data_5VTB
#
_entry.id   5VTB
#
_cell.length_a   51.301
_cell.length_b   85.264
_cell.length_c   87.968
_cell.angle_alpha   90.000
_cell.angle_beta   90.000
_cell.angle_gamma   90.000
#
_symmetry.space_group_name_H-M   'P 21 21 21'
#
loop_
_entity.id
_entity.type
_entity.pdbx_description
1 polymer 'Histone-binding protein RBBP4'
2 polymer 'B-cell lymphoma/leukemia 11A'
3 non-polymer GLYCEROL
4 water water
#
loop_
_entity_poly.entity_id
_entity_poly.type
_entity_poly.pdbx_seq_one_letter_code
_entity_poly.pdbx_strand_id
1 'polypeptide(L)'
;GAMDPEFMADKEAAFDDAVEERVINEEYKIWKKNTPFLYDLVMTHALEWPSLTAQWLPDVTRPEGKDFSIHRLVLGTHTS
DEQNHLVIASVQLPNDDAQFDASHYDSEKGEFGGFGSVSGKIEIEIKINHEGEVNRARYMPQNPCIIATKTPSSDVLVFD
YTKHPSKPDPSGECNPDLRLRGHQKEGYGLSWNPNLSGHLLSASDDHTICLWDISAVPKEGKVVDAKTIFTGHTAVVEDV
SWHLLHESLFGSVADDQKLMIWDTRSNNTSKPSHSVDAHTAEVNCLSFNPYSEFILATGSADKTVALWDLRNLKLKLHSF
ESHKDEIFQVQWSPHNETILASSGTDRRLNVWDLSKIGEEQSPEDAEDGPPELLFIHGGHTAKISDFSWNPNEPWVICSV
SEDNIMQVWQMAENIYNDEDPEGSVDPEGQGS
;
A
2 'polypeptide(L)' SRRKQGKPQHLSKRE B
#
loop_
_chem_comp.id
_chem_comp.type
_chem_comp.name
_chem_comp.formula
GOL non-polymer GLYCEROL 'C3 H8 O3'
#
# COMPACT_ATOMS: atom_id res chain seq x y z
N LYS A 32 13.89 17.67 13.61
CA LYS A 32 14.85 18.27 12.68
C LYS A 32 16.23 18.40 13.34
N LYS A 33 16.28 18.97 14.57
CA LYS A 33 17.52 19.14 15.31
C LYS A 33 18.22 17.83 15.56
N ASN A 34 17.45 16.78 15.92
CA ASN A 34 18.04 15.49 16.27
C ASN A 34 18.19 14.55 15.08
N THR A 35 17.73 14.97 13.87
CA THR A 35 17.84 14.13 12.67
C THR A 35 19.26 13.62 12.45
N PRO A 36 20.36 14.40 12.63
CA PRO A 36 21.70 13.82 12.42
C PRO A 36 21.99 12.60 13.28
N PHE A 37 21.36 12.47 14.44
CA PHE A 37 21.59 11.31 15.29
C PHE A 37 20.55 10.20 15.11
N LEU A 38 19.33 10.55 14.67
CA LEU A 38 18.25 9.57 14.56
C LEU A 38 18.23 8.83 13.25
N TYR A 39 18.90 9.38 12.22
CA TYR A 39 18.85 8.87 10.86
C TYR A 39 20.20 8.72 10.19
N ASP A 40 20.32 7.73 9.33
CA ASP A 40 21.47 7.61 8.44
C ASP A 40 21.13 8.31 7.10
N LEU A 41 19.83 8.63 6.90
CA LEU A 41 19.28 9.28 5.73
C LEU A 41 17.93 9.90 6.04
N VAL A 42 17.77 11.16 5.69
CA VAL A 42 16.50 11.88 5.76
C VAL A 42 16.44 12.80 4.55
N MET A 43 15.52 12.53 3.62
CA MET A 43 15.26 13.33 2.42
C MET A 43 13.79 13.75 2.44
N THR A 44 13.52 15.05 2.25
CA THR A 44 12.16 15.57 2.25
C THR A 44 11.85 16.24 0.94
N HIS A 45 10.67 15.98 0.38
CA HIS A 45 10.26 16.53 -0.91
C HIS A 45 8.78 16.89 -0.91
N ALA A 46 8.45 18.11 -1.33
CA ALA A 46 7.08 18.55 -1.43
C ALA A 46 6.57 18.33 -2.84
N LEU A 47 5.58 17.47 -2.98
CA LEU A 47 4.94 17.24 -4.28
C LEU A 47 3.96 18.38 -4.57
N GLU A 48 3.67 18.62 -5.85
CA GLU A 48 2.68 19.64 -6.26
C GLU A 48 1.31 19.38 -5.59
N TRP A 49 0.87 18.12 -5.65
CA TRP A 49 -0.34 17.64 -5.03
C TRP A 49 0.02 16.51 -4.11
N PRO A 50 -0.78 16.23 -3.04
CA PRO A 50 -0.44 15.08 -2.18
C PRO A 50 -0.64 13.76 -2.88
N SER A 51 0.12 12.74 -2.44
CA SER A 51 -0.05 11.38 -2.94
C SER A 51 -0.74 10.56 -1.88
N LEU A 52 -1.73 9.77 -2.29
CA LEU A 52 -2.41 8.84 -1.39
C LEU A 52 -1.71 7.49 -1.35
N THR A 53 -0.68 7.30 -2.19
CA THR A 53 -0.04 6.01 -2.38
C THR A 53 1.48 6.12 -2.56
N ALA A 54 2.19 5.07 -2.19
CA ALA A 54 3.62 4.97 -2.39
C ALA A 54 4.04 3.55 -2.46
N GLN A 55 4.86 3.23 -3.46
CA GLN A 55 5.42 1.89 -3.63
C GLN A 55 6.71 1.96 -4.44
N TRP A 56 7.79 1.47 -3.85
CA TRP A 56 9.07 1.38 -4.56
C TRP A 56 8.93 0.37 -5.70
N LEU A 57 9.41 0.71 -6.88
CA LEU A 57 9.54 -0.25 -7.96
C LEU A 57 10.76 -1.13 -7.61
N PRO A 58 10.83 -2.37 -8.08
CA PRO A 58 11.91 -3.26 -7.64
C PRO A 58 13.27 -3.01 -8.30
N ASP A 59 13.31 -2.20 -9.37
CA ASP A 59 14.54 -1.99 -10.12
C ASP A 59 15.46 -0.93 -9.51
N VAL A 60 16.74 -1.17 -9.64
CA VAL A 60 17.76 -0.24 -9.21
C VAL A 60 18.87 -0.23 -10.28
N THR A 61 19.23 0.97 -10.74
CA THR A 61 20.31 1.17 -11.71
C THR A 61 21.49 1.81 -10.99
N LYS A 66 29.65 6.28 -10.45
CA LYS A 66 29.01 7.18 -9.49
C LYS A 66 28.89 6.53 -8.12
N ASP A 67 28.79 7.35 -7.07
CA ASP A 67 28.69 6.88 -5.68
C ASP A 67 27.22 6.73 -5.22
N PHE A 68 26.28 6.69 -6.21
CA PHE A 68 24.85 6.55 -5.93
C PHE A 68 24.19 5.62 -6.94
N SER A 69 22.98 5.19 -6.59
CA SER A 69 22.13 4.36 -7.43
C SER A 69 20.79 5.07 -7.58
N ILE A 70 20.06 4.73 -8.65
CA ILE A 70 18.75 5.31 -8.93
C ILE A 70 17.69 4.29 -8.59
N HIS A 71 16.75 4.71 -7.76
CA HIS A 71 15.60 3.92 -7.34
C HIS A 71 14.37 4.63 -7.82
N ARG A 72 13.24 3.93 -7.94
CA ARG A 72 12.03 4.55 -8.44
C ARG A 72 10.85 4.22 -7.57
N LEU A 73 9.88 5.14 -7.54
CA LEU A 73 8.65 5.06 -6.77
C LEU A 73 7.43 5.23 -7.64
N VAL A 74 6.39 4.48 -7.34
CA VAL A 74 5.09 4.65 -7.94
C VAL A 74 4.33 5.54 -6.95
N LEU A 75 3.93 6.71 -7.41
CA LEU A 75 3.15 7.70 -6.65
C LEU A 75 1.86 8.07 -7.40
N GLY A 76 1.02 8.87 -6.78
CA GLY A 76 -0.15 9.42 -7.43
C GLY A 76 -0.41 10.84 -7.01
N THR A 77 -1.47 11.41 -7.56
CA THR A 77 -1.93 12.75 -7.19
C THR A 77 -3.29 12.64 -6.52
N HIS A 78 -3.64 13.67 -5.78
CA HIS A 78 -4.95 13.86 -5.18
C HIS A 78 -5.22 15.34 -5.30
N THR A 79 -6.01 15.71 -6.28
CA THR A 79 -6.26 17.12 -6.56
C THR A 79 -7.65 17.58 -6.14
N SER A 80 -7.86 18.88 -6.23
CA SER A 80 -9.16 19.50 -6.02
C SER A 80 -9.64 19.95 -7.39
N ASP A 81 -10.51 19.13 -8.04
CA ASP A 81 -11.13 19.36 -9.35
C ASP A 81 -10.11 19.79 -10.43
N GLU A 82 -8.99 19.07 -10.55
CA GLU A 82 -7.90 19.31 -11.52
C GLU A 82 -7.36 18.02 -12.03
N GLN A 83 -6.64 18.01 -13.18
CA GLN A 83 -6.08 16.78 -13.73
C GLN A 83 -5.16 16.01 -12.74
N ASN A 84 -5.49 14.75 -12.52
CA ASN A 84 -4.74 13.82 -11.70
C ASN A 84 -3.81 13.02 -12.57
N HIS A 85 -2.76 12.52 -11.97
CA HIS A 85 -1.79 11.70 -12.70
C HIS A 85 -1.30 10.52 -11.89
N LEU A 86 -1.01 9.42 -12.58
CA LEU A 86 -0.23 8.31 -12.07
C LEU A 86 1.24 8.78 -12.27
N VAL A 87 2.07 8.70 -11.24
CA VAL A 87 3.42 9.24 -11.26
C VAL A 87 4.50 8.20 -10.97
N ILE A 88 5.63 8.31 -11.67
CA ILE A 88 6.85 7.55 -11.43
C ILE A 88 7.91 8.57 -11.13
N ALA A 89 8.50 8.48 -9.96
CA ALA A 89 9.56 9.38 -9.54
C ALA A 89 10.85 8.62 -9.33
N SER A 90 11.98 9.28 -9.54
CA SER A 90 13.28 8.68 -9.28
C SER A 90 13.89 9.29 -8.05
N VAL A 91 14.73 8.52 -7.38
CA VAL A 91 15.43 8.89 -6.15
C VAL A 91 16.88 8.43 -6.24
N GLN A 92 17.81 9.34 -5.98
CA GLN A 92 19.22 9.00 -5.88
C GLN A 92 19.51 8.61 -4.45
N LEU A 93 20.05 7.40 -4.26
CA LEU A 93 20.41 6.89 -2.95
C LEU A 93 21.88 6.54 -2.91
N PRO A 94 22.55 6.76 -1.76
CA PRO A 94 23.97 6.42 -1.67
C PRO A 94 24.26 4.92 -1.76
N ASN A 95 25.44 4.54 -2.26
CA ASN A 95 25.87 3.14 -2.38
C ASN A 95 26.39 2.62 -1.04
N GLY A 120 20.91 14.58 -2.40
CA GLY A 120 20.00 13.53 -2.87
C GLY A 120 18.85 14.05 -3.69
N LYS A 121 18.89 13.79 -5.00
CA LYS A 121 17.89 14.30 -5.92
C LYS A 121 16.70 13.35 -6.12
N ILE A 122 15.51 13.97 -6.16
CA ILE A 122 14.20 13.36 -6.40
C ILE A 122 13.58 14.08 -7.60
N GLU A 123 13.21 13.33 -8.63
CA GLU A 123 12.65 13.91 -9.83
C GLU A 123 11.46 13.09 -10.36
N ILE A 124 10.47 13.77 -10.94
CA ILE A 124 9.33 13.14 -11.56
C ILE A 124 9.73 12.74 -12.95
N GLU A 125 9.69 11.44 -13.23
CA GLU A 125 10.10 10.93 -14.54
C GLU A 125 8.94 10.80 -15.47
N ILE A 126 7.82 10.26 -14.96
CA ILE A 126 6.64 9.98 -15.78
C ILE A 126 5.39 10.44 -15.07
N LYS A 127 4.49 11.04 -15.83
CA LYS A 127 3.16 11.43 -15.41
C LYS A 127 2.16 10.94 -16.45
N ILE A 128 1.22 10.09 -16.02
CA ILE A 128 0.20 9.54 -16.91
C ILE A 128 -1.16 10.05 -16.47
N ASN A 129 -1.94 10.62 -17.40
CA ASN A 129 -3.30 11.09 -17.14
C ASN A 129 -4.11 10.00 -16.45
N HIS A 130 -4.74 10.35 -15.34
CA HIS A 130 -5.52 9.44 -14.53
C HIS A 130 -6.87 10.09 -14.23
N GLU A 131 -7.97 9.33 -14.32
CA GLU A 131 -9.33 9.84 -14.07
C GLU A 131 -9.60 9.84 -12.58
N GLY A 132 -9.52 11.02 -11.96
CA GLY A 132 -9.70 11.13 -10.52
C GLY A 132 -8.43 10.83 -9.77
N GLU A 133 -8.43 11.02 -8.43
CA GLU A 133 -7.26 10.75 -7.58
C GLU A 133 -6.88 9.27 -7.60
N VAL A 134 -5.61 8.99 -7.35
CA VAL A 134 -5.09 7.62 -7.31
C VAL A 134 -5.18 7.15 -5.88
N ASN A 135 -6.24 6.34 -5.55
CA ASN A 135 -6.45 5.84 -4.19
C ASN A 135 -5.32 4.94 -3.75
N ARG A 136 -4.81 4.14 -4.71
CA ARG A 136 -3.73 3.17 -4.52
C ARG A 136 -3.18 2.78 -5.88
N ALA A 137 -1.88 2.53 -5.95
CA ALA A 137 -1.26 2.05 -7.18
C ALA A 137 -0.27 0.97 -6.81
N ARG A 138 -0.37 -0.20 -7.49
CA ARG A 138 0.54 -1.33 -7.20
C ARG A 138 1.06 -1.98 -8.48
N TYR A 139 2.36 -2.24 -8.55
CA TYR A 139 3.00 -2.89 -9.72
C TYR A 139 2.87 -4.41 -9.67
N MET A 140 2.82 -5.04 -10.83
CA MET A 140 2.73 -6.49 -10.95
C MET A 140 4.12 -7.10 -10.77
N PRO A 141 4.28 -8.02 -9.78
CA PRO A 141 5.63 -8.59 -9.52
C PRO A 141 6.30 -9.22 -10.73
N GLN A 142 5.53 -9.91 -11.57
CA GLN A 142 6.02 -10.64 -12.74
C GLN A 142 6.34 -9.71 -13.91
N ASN A 143 5.84 -8.48 -13.89
CA ASN A 143 6.11 -7.46 -14.89
C ASN A 143 5.83 -6.09 -14.28
N PRO A 144 6.86 -5.52 -13.60
CA PRO A 144 6.67 -4.24 -12.91
C PRO A 144 6.39 -3.01 -13.79
N CYS A 145 6.33 -3.16 -15.13
CA CYS A 145 5.89 -2.08 -16.02
C CYS A 145 4.37 -1.94 -15.93
N ILE A 146 3.68 -3.02 -15.48
CA ILE A 146 2.22 -3.08 -15.33
C ILE A 146 1.82 -2.59 -13.93
N ILE A 147 0.97 -1.56 -13.89
CA ILE A 147 0.54 -0.98 -12.62
C ILE A 147 -0.98 -0.90 -12.57
N ALA A 148 -1.57 -1.45 -11.51
CA ALA A 148 -2.99 -1.32 -11.29
C ALA A 148 -3.26 -0.10 -10.39
N THR A 149 -4.39 0.58 -10.61
CA THR A 149 -4.76 1.73 -9.79
C THR A 149 -6.20 1.65 -9.36
N LYS A 150 -6.47 2.19 -8.18
CA LYS A 150 -7.82 2.36 -7.66
C LYS A 150 -8.21 3.83 -7.86
N THR A 151 -9.38 4.07 -8.41
CA THR A 151 -9.96 5.38 -8.78
C THR A 151 -11.05 5.79 -7.76
N PRO A 152 -11.48 7.09 -7.71
CA PRO A 152 -12.64 7.45 -6.87
C PRO A 152 -14.00 7.01 -7.46
N SER A 153 -14.01 6.35 -8.61
CA SER A 153 -15.24 5.76 -9.17
C SER A 153 -15.14 4.24 -8.98
N SER A 154 -15.95 3.45 -9.65
CA SER A 154 -15.91 2.02 -9.41
C SER A 154 -14.79 1.28 -10.19
N ASP A 155 -14.36 1.82 -11.31
CA ASP A 155 -13.42 1.14 -12.18
C ASP A 155 -12.03 0.98 -11.59
N VAL A 156 -11.43 -0.15 -11.87
CA VAL A 156 -10.06 -0.38 -11.47
C VAL A 156 -9.29 -0.29 -12.80
N LEU A 157 -8.18 0.43 -12.81
CA LEU A 157 -7.42 0.63 -14.05
C LEU A 157 -6.08 -0.09 -14.05
N VAL A 158 -5.61 -0.43 -15.25
CA VAL A 158 -4.30 -1.06 -15.46
C VAL A 158 -3.57 -0.27 -16.55
N PHE A 159 -2.32 0.11 -16.26
CA PHE A 159 -1.43 0.82 -17.17
C PHE A 159 -0.14 0.07 -17.35
N ASP A 160 0.35 0.03 -18.59
CA ASP A 160 1.71 -0.41 -18.91
C ASP A 160 2.41 0.89 -19.17
N TYR A 161 3.25 1.37 -18.23
CA TYR A 161 3.80 2.71 -18.38
C TYR A 161 4.77 2.86 -19.58
N THR A 162 5.25 1.75 -20.18
CA THR A 162 6.13 1.81 -21.36
C THR A 162 5.34 2.16 -22.61
N LYS A 163 4.02 2.06 -22.57
CA LYS A 163 3.13 2.31 -23.70
C LYS A 163 2.45 3.68 -23.59
N HIS A 164 2.98 4.55 -22.72
CA HIS A 164 2.46 5.90 -22.55
C HIS A 164 3.60 6.89 -22.64
N PRO A 165 3.36 8.14 -23.12
CA PRO A 165 4.44 9.13 -23.13
C PRO A 165 4.82 9.50 -21.70
N SER A 166 6.08 9.96 -21.49
CA SER A 166 6.61 10.42 -20.21
C SER A 166 5.91 11.73 -19.82
N LYS A 167 5.60 12.57 -20.82
CA LYS A 167 4.86 13.80 -20.67
C LYS A 167 3.39 13.58 -21.06
N PRO A 168 2.46 13.91 -20.15
CA PRO A 168 1.04 13.68 -20.47
C PRO A 168 0.44 14.72 -21.41
N ASP A 169 -0.57 14.33 -22.21
CA ASP A 169 -1.30 15.27 -23.06
C ASP A 169 -2.13 16.21 -22.19
N PRO A 170 -2.04 17.55 -22.44
CA PRO A 170 -2.80 18.52 -21.63
C PRO A 170 -4.31 18.41 -21.75
N SER A 171 -4.81 17.67 -22.78
CA SER A 171 -6.24 17.37 -22.96
C SER A 171 -6.78 16.59 -21.77
N GLY A 172 -5.89 15.87 -21.08
CA GLY A 172 -6.25 15.09 -19.90
C GLY A 172 -6.97 13.78 -20.14
N GLU A 173 -7.01 13.29 -21.39
CA GLU A 173 -7.60 12.00 -21.71
C GLU A 173 -6.92 10.83 -20.92
N CYS A 174 -7.71 10.11 -20.11
CA CYS A 174 -7.26 8.92 -19.42
C CYS A 174 -7.48 7.78 -20.40
N ASN A 175 -6.38 7.15 -20.82
CA ASN A 175 -6.43 6.05 -21.77
C ASN A 175 -5.81 4.82 -21.10
N PRO A 176 -6.47 4.21 -20.10
CA PRO A 176 -5.85 3.05 -19.45
C PRO A 176 -5.75 1.86 -20.40
N ASP A 177 -4.75 0.97 -20.19
CA ASP A 177 -4.57 -0.20 -21.04
C ASP A 177 -5.74 -1.14 -20.84
N LEU A 178 -6.23 -1.25 -19.59
CA LEU A 178 -7.43 -2.00 -19.23
C LEU A 178 -8.26 -1.25 -18.22
N ARG A 179 -9.59 -1.38 -18.35
CA ARG A 179 -10.58 -0.88 -17.39
C ARG A 179 -11.23 -2.12 -16.83
N LEU A 180 -11.06 -2.38 -15.51
CA LEU A 180 -11.55 -3.59 -14.86
C LEU A 180 -12.86 -3.28 -14.17
N ARG A 181 -13.93 -3.95 -14.62
CA ARG A 181 -15.27 -3.71 -14.08
C ARG A 181 -15.68 -4.79 -13.13
N GLY A 182 -16.61 -4.45 -12.24
CA GLY A 182 -17.09 -5.39 -11.23
C GLY A 182 -17.55 -4.70 -9.97
N HIS A 183 -16.86 -3.64 -9.56
CA HIS A 183 -17.27 -2.91 -8.36
C HIS A 183 -18.36 -1.88 -8.66
N GLN A 184 -19.06 -1.45 -7.59
CA GLN A 184 -20.08 -0.41 -7.63
C GLN A 184 -19.59 0.87 -6.96
N LYS A 185 -18.49 0.80 -6.19
CA LYS A 185 -17.93 1.95 -5.50
C LYS A 185 -16.42 1.90 -5.52
N GLU A 186 -15.78 3.02 -5.16
CA GLU A 186 -14.33 3.09 -5.03
C GLU A 186 -13.82 2.19 -3.87
N GLY A 187 -12.51 1.97 -3.82
CA GLY A 187 -11.87 1.26 -2.74
C GLY A 187 -10.40 1.60 -2.59
N TYR A 188 -9.73 0.84 -1.74
CA TYR A 188 -8.30 1.01 -1.49
C TYR A 188 -7.55 -0.30 -1.74
N GLY A 189 -7.92 -1.40 -1.09
CA GLY A 189 -7.24 -2.67 -1.23
C GLY A 189 -6.94 -3.11 -2.65
N LEU A 190 -5.69 -3.50 -2.90
CA LEU A 190 -5.28 -3.92 -4.24
C LEU A 190 -4.10 -4.86 -4.11
N SER A 191 -4.17 -6.06 -4.72
CA SER A 191 -3.10 -7.02 -4.56
C SER A 191 -2.92 -7.93 -5.78
N TRP A 192 -1.69 -7.98 -6.29
CA TRP A 192 -1.33 -8.92 -7.38
C TRP A 192 -0.84 -10.23 -6.81
N ASN A 193 -1.22 -11.34 -7.42
CA ASN A 193 -0.78 -12.66 -6.97
C ASN A 193 0.67 -12.88 -7.39
N PRO A 194 1.61 -13.11 -6.44
CA PRO A 194 3.02 -13.30 -6.84
C PRO A 194 3.32 -14.67 -7.44
N ASN A 195 2.33 -15.57 -7.46
CA ASN A 195 2.52 -16.94 -7.93
C ASN A 195 1.67 -17.26 -9.15
N LEU A 196 0.70 -16.40 -9.45
CA LEU A 196 -0.19 -16.55 -10.61
C LEU A 196 -0.22 -15.22 -11.34
N SER A 197 0.54 -15.13 -12.42
CA SER A 197 0.72 -13.89 -13.17
C SER A 197 -0.60 -13.29 -13.64
N GLY A 198 -0.84 -12.05 -13.25
CA GLY A 198 -2.01 -11.30 -13.71
C GLY A 198 -3.27 -11.51 -12.90
N HIS A 199 -3.18 -12.21 -11.78
CA HIS A 199 -4.34 -12.40 -10.92
C HIS A 199 -4.37 -11.26 -9.91
N LEU A 200 -5.35 -10.36 -10.05
CA LEU A 200 -5.47 -9.16 -9.25
C LEU A 200 -6.70 -9.15 -8.38
N LEU A 201 -6.50 -8.87 -7.09
CA LEU A 201 -7.58 -8.69 -6.13
C LEU A 201 -7.79 -7.22 -5.84
N SER A 202 -9.05 -6.85 -5.57
CA SER A 202 -9.43 -5.47 -5.26
C SER A 202 -10.51 -5.45 -4.17
N ALA A 203 -10.42 -4.50 -3.24
CA ALA A 203 -11.37 -4.33 -2.15
C ALA A 203 -12.14 -3.06 -2.38
N SER A 204 -13.43 -3.07 -2.09
CA SER A 204 -14.26 -1.90 -2.35
C SER A 204 -15.17 -1.50 -1.20
N ASP A 205 -15.55 -0.21 -1.19
CA ASP A 205 -16.54 0.36 -0.28
C ASP A 205 -17.94 -0.24 -0.56
N ASP A 206 -18.09 -0.99 -1.68
CA ASP A 206 -19.36 -1.68 -2.01
C ASP A 206 -19.50 -3.02 -1.25
N HIS A 207 -18.58 -3.32 -0.29
CA HIS A 207 -18.61 -4.53 0.57
C HIS A 207 -18.11 -5.79 -0.15
N THR A 208 -17.59 -5.68 -1.37
CA THR A 208 -17.14 -6.87 -2.09
C THR A 208 -15.64 -6.84 -2.40
N ILE A 209 -15.16 -8.02 -2.77
CA ILE A 209 -13.80 -8.22 -3.27
C ILE A 209 -13.93 -8.72 -4.70
N CYS A 210 -13.28 -8.06 -5.66
CA CYS A 210 -13.25 -8.53 -7.05
C CYS A 210 -11.88 -9.16 -7.38
N LEU A 211 -11.90 -10.11 -8.27
CA LEU A 211 -10.72 -10.77 -8.82
C LEU A 211 -10.80 -10.74 -10.33
N TRP A 212 -9.71 -10.33 -10.98
CA TRP A 212 -9.54 -10.36 -12.42
C TRP A 212 -8.30 -11.17 -12.72
N ASP A 213 -8.33 -11.84 -13.86
CA ASP A 213 -7.18 -12.54 -14.41
C ASP A 213 -6.87 -11.83 -15.71
N ILE A 214 -5.82 -10.96 -15.65
CA ILE A 214 -5.24 -10.04 -16.64
C ILE A 214 -4.48 -10.83 -17.71
N SER A 215 -4.01 -12.06 -17.39
CA SER A 215 -3.27 -12.90 -18.34
C SER A 215 -4.19 -13.50 -19.41
N ALA A 216 -5.53 -13.60 -19.11
CA ALA A 216 -6.59 -14.23 -19.93
C ALA A 216 -7.49 -13.23 -20.70
N VAL A 217 -7.16 -11.94 -20.61
CA VAL A 217 -7.83 -10.88 -21.35
C VAL A 217 -7.38 -10.98 -22.79
N PRO A 218 -8.30 -10.82 -23.77
CA PRO A 218 -7.84 -10.75 -25.18
C PRO A 218 -6.79 -9.66 -25.37
N LYS A 219 -5.76 -9.93 -26.19
CA LYS A 219 -4.65 -8.98 -26.42
C LYS A 219 -5.13 -7.54 -26.72
N GLU A 220 -6.16 -7.39 -27.58
CA GLU A 220 -6.68 -6.08 -27.96
C GLU A 220 -7.88 -5.61 -27.09
N GLY A 221 -8.22 -6.40 -26.07
CA GLY A 221 -9.33 -6.09 -25.17
C GLY A 221 -8.94 -4.95 -24.25
N LYS A 222 -9.83 -3.98 -24.04
CA LYS A 222 -9.59 -2.82 -23.19
C LYS A 222 -10.51 -2.78 -21.94
N VAL A 223 -11.46 -3.71 -21.84
CA VAL A 223 -12.41 -3.81 -20.72
C VAL A 223 -12.48 -5.24 -20.25
N VAL A 224 -12.33 -5.47 -18.93
CA VAL A 224 -12.36 -6.81 -18.37
C VAL A 224 -13.40 -6.88 -17.27
N ASP A 225 -14.31 -7.85 -17.35
CA ASP A 225 -15.27 -8.10 -16.29
C ASP A 225 -14.63 -8.98 -15.23
N ALA A 226 -15.02 -8.80 -13.97
CA ALA A 226 -14.50 -9.59 -12.85
C ALA A 226 -14.73 -11.07 -13.06
N LYS A 227 -13.67 -11.87 -12.83
CA LYS A 227 -13.76 -13.32 -12.91
C LYS A 227 -14.63 -13.83 -11.74
N THR A 228 -14.38 -13.28 -10.53
CA THR A 228 -15.00 -13.70 -9.30
C THR A 228 -15.23 -12.52 -8.40
N ILE A 229 -16.38 -12.52 -7.70
CA ILE A 229 -16.72 -11.51 -6.71
C ILE A 229 -16.97 -12.27 -5.40
N PHE A 230 -16.26 -11.89 -4.33
CA PHE A 230 -16.35 -12.54 -3.02
C PHE A 230 -17.20 -11.66 -2.12
N THR A 231 -18.29 -12.26 -1.56
CA THR A 231 -19.32 -11.49 -0.85
C THR A 231 -19.46 -11.83 0.65
N GLY A 232 -18.39 -12.25 1.28
CA GLY A 232 -18.43 -12.62 2.69
C GLY A 232 -18.63 -11.48 3.68
N HIS A 233 -18.04 -10.30 3.39
CA HIS A 233 -18.13 -9.16 4.30
C HIS A 233 -19.53 -8.51 4.26
N THR A 234 -19.89 -7.79 5.31
CA THR A 234 -21.19 -7.12 5.45
C THR A 234 -21.01 -5.59 5.56
N ALA A 235 -19.80 -5.11 5.27
CA ALA A 235 -19.44 -3.70 5.34
C ALA A 235 -18.30 -3.42 4.37
N VAL A 236 -17.91 -2.14 4.29
CA VAL A 236 -16.80 -1.69 3.46
C VAL A 236 -15.61 -2.59 3.65
N VAL A 237 -15.09 -3.15 2.55
CA VAL A 237 -13.85 -3.94 2.60
C VAL A 237 -12.71 -2.95 2.41
N GLU A 238 -11.84 -2.84 3.40
CA GLU A 238 -10.75 -1.87 3.42
C GLU A 238 -9.48 -2.33 2.73
N ASP A 239 -9.12 -3.62 2.90
CA ASP A 239 -7.86 -4.10 2.32
C ASP A 239 -7.96 -5.57 1.92
N VAL A 240 -7.05 -5.98 1.05
CA VAL A 240 -6.98 -7.36 0.57
C VAL A 240 -5.53 -7.67 0.23
N SER A 241 -5.09 -8.89 0.46
CA SER A 241 -3.70 -9.29 0.18
C SER A 241 -3.58 -10.78 -0.05
N TRP A 242 -2.85 -11.15 -1.10
CA TRP A 242 -2.53 -12.54 -1.35
C TRP A 242 -1.46 -13.00 -0.38
N HIS A 243 -1.43 -14.30 -0.11
CA HIS A 243 -0.35 -14.94 0.62
C HIS A 243 0.85 -14.98 -0.32
N LEU A 244 2.09 -15.02 0.23
CA LEU A 244 3.28 -15.04 -0.60
C LEU A 244 3.54 -16.40 -1.22
N LEU A 245 3.19 -17.47 -0.51
CA LEU A 245 3.49 -18.85 -0.90
C LEU A 245 2.30 -19.67 -1.44
N HIS A 246 1.11 -19.54 -0.82
CA HIS A 246 -0.07 -20.28 -1.26
C HIS A 246 -0.82 -19.48 -2.29
N GLU A 247 -0.71 -19.90 -3.53
CA GLU A 247 -1.29 -19.27 -4.72
C GLU A 247 -2.83 -19.10 -4.64
N SER A 248 -3.49 -19.89 -3.79
CA SER A 248 -4.94 -19.92 -3.61
C SER A 248 -5.44 -19.14 -2.40
N LEU A 249 -4.55 -18.69 -1.52
CA LEU A 249 -4.94 -18.03 -0.28
C LEU A 249 -4.80 -16.52 -0.36
N PHE A 250 -5.80 -15.85 0.16
CA PHE A 250 -5.73 -14.43 0.35
C PHE A 250 -6.54 -14.04 1.59
N GLY A 251 -6.19 -12.89 2.15
CA GLY A 251 -6.86 -12.34 3.30
C GLY A 251 -7.55 -11.03 2.95
N SER A 252 -8.62 -10.72 3.68
CA SER A 252 -9.35 -9.48 3.51
C SER A 252 -9.75 -8.95 4.87
N VAL A 253 -9.89 -7.63 4.98
CA VAL A 253 -10.26 -6.96 6.24
C VAL A 253 -11.27 -5.90 5.94
N ALA A 254 -12.16 -5.63 6.89
CA ALA A 254 -13.27 -4.75 6.61
C ALA A 254 -13.78 -3.98 7.82
N ASP A 255 -14.70 -3.04 7.58
CA ASP A 255 -15.34 -2.20 8.59
C ASP A 255 -16.27 -3.00 9.50
N ASP A 256 -16.54 -4.29 9.14
CA ASP A 256 -17.34 -5.20 9.95
C ASP A 256 -16.50 -5.79 11.10
N GLN A 257 -15.23 -5.31 11.25
CA GLN A 257 -14.28 -5.68 12.31
C GLN A 257 -13.65 -7.07 12.10
N LYS A 258 -13.86 -7.66 10.92
CA LYS A 258 -13.38 -8.99 10.67
C LYS A 258 -12.19 -9.09 9.73
N LEU A 259 -11.41 -10.12 9.97
CA LEU A 259 -10.36 -10.63 9.12
C LEU A 259 -10.91 -11.93 8.51
N MET A 260 -10.89 -12.05 7.18
CA MET A 260 -11.34 -13.25 6.49
C MET A 260 -10.18 -13.86 5.70
N ILE A 261 -10.08 -15.18 5.70
CA ILE A 261 -9.11 -15.95 4.94
C ILE A 261 -9.86 -16.72 3.88
N TRP A 262 -9.49 -16.52 2.61
CA TRP A 262 -10.19 -17.09 1.46
C TRP A 262 -9.37 -18.09 0.68
N ASP A 263 -10.02 -19.12 0.19
CA ASP A 263 -9.43 -20.16 -0.65
C ASP A 263 -10.07 -20.05 -2.02
N THR A 264 -9.31 -19.66 -3.03
CA THR A 264 -9.87 -19.50 -4.39
C THR A 264 -10.29 -20.85 -5.01
N ARG A 265 -9.88 -22.00 -4.42
CA ARG A 265 -10.26 -23.32 -4.93
C ARG A 265 -11.67 -23.70 -4.46
N SER A 266 -12.19 -23.03 -3.43
CA SER A 266 -13.55 -23.24 -2.95
C SER A 266 -14.60 -22.74 -3.98
N ASN A 267 -15.66 -23.54 -4.15
CA ASN A 267 -16.81 -23.25 -5.02
C ASN A 267 -17.75 -22.20 -4.39
N ASN A 268 -17.59 -21.92 -3.08
CA ASN A 268 -18.45 -20.97 -2.42
C ASN A 268 -17.73 -19.64 -2.22
N THR A 269 -18.09 -18.64 -3.04
CA THR A 269 -17.51 -17.29 -2.98
C THR A 269 -18.25 -16.34 -2.01
N SER A 270 -19.22 -16.84 -1.28
CA SER A 270 -19.95 -16.03 -0.30
C SER A 270 -19.50 -16.36 1.12
N LYS A 271 -18.72 -17.43 1.30
CA LYS A 271 -18.28 -17.88 2.62
C LYS A 271 -16.79 -18.09 2.64
N PRO A 272 -16.03 -17.40 3.52
CA PRO A 272 -14.57 -17.63 3.52
C PRO A 272 -14.18 -18.93 4.21
N SER A 273 -12.93 -19.33 4.02
CA SER A 273 -12.36 -20.48 4.71
C SER A 273 -12.33 -20.21 6.24
N HIS A 274 -12.02 -18.96 6.65
CA HIS A 274 -12.04 -18.52 8.07
C HIS A 274 -12.51 -17.10 8.18
N SER A 275 -13.32 -16.82 9.18
CA SER A 275 -13.82 -15.49 9.53
C SER A 275 -13.51 -15.24 10.98
N VAL A 276 -12.81 -14.15 11.30
CA VAL A 276 -12.41 -13.90 12.69
C VAL A 276 -12.67 -12.43 13.08
N ASP A 277 -13.20 -12.26 14.32
CA ASP A 277 -13.41 -10.95 14.92
C ASP A 277 -12.03 -10.45 15.34
N ALA A 278 -11.43 -9.60 14.51
CA ALA A 278 -10.05 -9.17 14.65
C ALA A 278 -9.84 -7.99 15.58
N HIS A 279 -10.75 -7.02 15.52
CA HIS A 279 -10.62 -5.78 16.28
C HIS A 279 -11.95 -5.28 16.81
N THR A 280 -11.92 -4.22 17.64
CA THR A 280 -13.10 -3.63 18.25
C THR A 280 -13.55 -2.41 17.46
N ALA A 281 -12.99 -2.25 16.25
CA ALA A 281 -13.32 -1.16 15.33
C ALA A 281 -12.95 -1.58 13.90
N GLU A 282 -13.12 -0.69 12.93
CA GLU A 282 -12.80 -0.96 11.53
C GLU A 282 -11.38 -1.47 11.38
N VAL A 283 -11.20 -2.52 10.53
CA VAL A 283 -9.88 -3.05 10.20
C VAL A 283 -9.50 -2.48 8.83
N ASN A 284 -8.40 -1.71 8.76
CA ASN A 284 -8.04 -0.99 7.55
C ASN A 284 -6.96 -1.58 6.70
N CYS A 285 -6.17 -2.49 7.24
CA CYS A 285 -5.01 -2.99 6.52
C CYS A 285 -4.59 -4.37 7.03
N LEU A 286 -3.86 -5.09 6.19
CA LEU A 286 -3.24 -6.35 6.57
C LEU A 286 -1.98 -6.55 5.78
N SER A 287 -1.09 -7.41 6.33
CA SER A 287 0.19 -7.72 5.71
C SER A 287 0.62 -9.08 6.18
N PHE A 288 1.00 -9.93 5.23
CA PHE A 288 1.55 -11.26 5.50
C PHE A 288 3.06 -11.16 5.66
N ASN A 289 3.60 -11.85 6.67
CA ASN A 289 5.04 -11.90 6.94
C ASN A 289 5.72 -12.66 5.80
N PRO A 290 6.69 -12.05 5.11
CA PRO A 290 7.29 -12.73 3.95
C PRO A 290 8.28 -13.83 4.28
N TYR A 291 8.58 -14.06 5.57
CA TYR A 291 9.52 -15.07 6.04
C TYR A 291 8.85 -16.13 6.87
N SER A 292 7.74 -15.79 7.48
CA SER A 292 7.03 -16.71 8.34
C SER A 292 5.64 -16.93 7.75
N GLU A 293 5.49 -17.96 6.91
CA GLU A 293 4.30 -18.31 6.15
C GLU A 293 2.98 -18.42 6.95
N PHE A 294 3.01 -18.52 8.27
CA PHE A 294 1.76 -18.64 9.00
C PHE A 294 1.37 -17.34 9.67
N ILE A 295 2.23 -16.31 9.61
CA ILE A 295 2.05 -15.07 10.36
C ILE A 295 1.57 -13.90 9.52
N LEU A 296 0.69 -13.06 10.11
CA LEU A 296 0.21 -11.84 9.48
C LEU A 296 -0.14 -10.81 10.56
N ALA A 297 -0.35 -9.56 10.13
CA ALA A 297 -0.70 -8.44 10.99
C ALA A 297 -1.85 -7.67 10.40
N THR A 298 -2.65 -7.05 11.25
CA THR A 298 -3.76 -6.20 10.87
C THR A 298 -3.64 -4.89 11.65
N GLY A 299 -4.13 -3.81 11.04
CA GLY A 299 -4.14 -2.49 11.64
C GLY A 299 -5.55 -1.97 11.68
N SER A 300 -5.88 -1.21 12.72
CA SER A 300 -7.26 -0.83 12.95
C SER A 300 -7.50 0.58 13.47
N ALA A 301 -8.77 1.01 13.35
CA ALA A 301 -9.29 2.25 13.94
C ALA A 301 -9.23 2.16 15.49
N ASP A 302 -9.07 0.96 16.05
CA ASP A 302 -8.76 0.62 17.44
C ASP A 302 -7.53 1.29 18.00
N LYS A 303 -6.61 1.68 17.08
CA LYS A 303 -5.28 2.25 17.37
C LYS A 303 -4.27 1.14 17.67
N THR A 304 -4.62 -0.13 17.36
CA THR A 304 -3.73 -1.26 17.57
C THR A 304 -3.39 -2.00 16.29
N VAL A 305 -2.28 -2.71 16.35
CA VAL A 305 -1.86 -3.67 15.35
C VAL A 305 -2.01 -5.03 16.02
N ALA A 306 -2.71 -5.95 15.38
CA ALA A 306 -2.88 -7.31 15.89
C ALA A 306 -1.97 -8.26 15.10
N LEU A 307 -1.43 -9.25 15.80
CA LEU A 307 -0.58 -10.29 15.22
C LEU A 307 -1.37 -11.63 15.20
N TRP A 308 -1.32 -12.34 14.07
CA TRP A 308 -2.11 -13.54 13.85
C TRP A 308 -1.30 -14.73 13.33
N ASP A 309 -1.74 -15.94 13.67
CA ASP A 309 -1.20 -17.21 13.17
C ASP A 309 -2.32 -17.90 12.42
N LEU A 310 -2.12 -18.21 11.14
CA LEU A 310 -3.12 -18.89 10.30
C LEU A 310 -3.54 -20.28 10.82
N ARG A 311 -2.71 -20.90 11.69
CA ARG A 311 -3.01 -22.21 12.29
C ARG A 311 -3.96 -22.07 13.49
N ASN A 312 -4.24 -20.84 13.96
CA ASN A 312 -5.09 -20.63 15.12
C ASN A 312 -5.56 -19.19 15.15
N LEU A 313 -6.43 -18.82 14.21
CA LEU A 313 -6.91 -17.46 14.07
C LEU A 313 -7.88 -17.01 15.15
N LYS A 314 -8.42 -17.92 15.95
CA LYS A 314 -9.36 -17.48 16.96
C LYS A 314 -8.66 -16.85 18.15
N LEU A 315 -7.31 -16.88 18.21
CA LEU A 315 -6.59 -16.22 19.31
C LEU A 315 -5.53 -15.30 18.80
N LYS A 316 -5.70 -14.00 19.05
CA LYS A 316 -4.74 -12.97 18.72
C LYS A 316 -3.41 -13.29 19.42
N LEU A 317 -2.29 -13.32 18.67
CA LEU A 317 -0.99 -13.63 19.28
C LEU A 317 -0.44 -12.50 20.13
N HIS A 318 -0.69 -11.26 19.71
CA HIS A 318 -0.19 -10.06 20.34
C HIS A 318 -0.95 -8.84 19.83
N SER A 319 -0.95 -7.78 20.63
CA SER A 319 -1.51 -6.51 20.27
C SER A 319 -0.46 -5.41 20.52
N PHE A 320 -0.05 -4.69 19.45
CA PHE A 320 0.94 -3.59 19.48
C PHE A 320 0.23 -2.30 19.75
N GLU A 321 0.56 -1.66 20.86
CA GLU A 321 -0.12 -0.43 21.24
C GLU A 321 0.87 0.70 21.50
N SER A 322 0.62 1.84 20.83
CA SER A 322 1.36 3.11 20.93
C SER A 322 0.70 4.21 20.11
N HIS A 323 0.08 3.84 18.96
CA HIS A 323 -0.59 4.82 18.12
C HIS A 323 -1.69 5.54 18.91
N LYS A 324 -1.81 6.85 18.66
CA LYS A 324 -2.78 7.73 19.33
C LYS A 324 -4.04 7.94 18.49
N ASP A 325 -4.08 7.36 17.28
CA ASP A 325 -5.22 7.47 16.40
C ASP A 325 -5.25 6.30 15.41
N GLU A 326 -6.26 6.29 14.53
CA GLU A 326 -6.54 5.24 13.55
C GLU A 326 -5.29 4.90 12.71
N ILE A 327 -5.04 3.60 12.56
CA ILE A 327 -3.95 3.04 11.75
C ILE A 327 -4.48 2.68 10.36
N PHE A 328 -3.81 3.17 9.32
CA PHE A 328 -4.24 2.90 7.96
C PHE A 328 -3.33 1.96 7.16
N GLN A 329 -2.05 1.84 7.53
CA GLN A 329 -1.13 0.98 6.81
C GLN A 329 -0.24 0.20 7.77
N VAL A 330 -0.04 -1.08 7.46
CA VAL A 330 0.85 -1.98 8.21
C VAL A 330 1.63 -2.78 7.17
N GLN A 331 2.97 -2.82 7.27
CA GLN A 331 3.81 -3.56 6.33
C GLN A 331 5.00 -4.18 7.01
N TRP A 332 5.26 -5.44 6.73
CA TRP A 332 6.42 -6.13 7.24
C TRP A 332 7.65 -5.69 6.53
N SER A 333 8.80 -5.75 7.19
CA SER A 333 10.05 -5.46 6.53
C SER A 333 10.34 -6.52 5.45
N PRO A 334 10.80 -6.09 4.27
CA PRO A 334 11.16 -7.07 3.24
C PRO A 334 12.47 -7.81 3.58
N HIS A 335 13.27 -7.29 4.54
CA HIS A 335 14.59 -7.85 4.88
C HIS A 335 14.69 -8.54 6.25
N ASN A 336 13.81 -8.21 7.19
CA ASN A 336 13.92 -8.76 8.55
C ASN A 336 12.55 -9.26 9.06
N GLU A 337 12.49 -10.57 9.32
CA GLU A 337 11.32 -11.34 9.75
C GLU A 337 10.59 -10.79 11.00
N THR A 338 11.31 -10.17 11.94
CA THR A 338 10.68 -9.69 13.18
C THR A 338 10.33 -8.21 13.15
N ILE A 339 10.55 -7.54 12.01
CA ILE A 339 10.33 -6.11 11.87
C ILE A 339 9.07 -5.79 11.05
N LEU A 340 8.25 -4.90 11.62
CA LEU A 340 6.99 -4.47 11.07
C LEU A 340 6.86 -2.94 11.25
N ALA A 341 6.17 -2.27 10.33
CA ALA A 341 5.91 -0.85 10.51
C ALA A 341 4.42 -0.56 10.36
N SER A 342 3.95 0.49 11.03
CA SER A 342 2.57 0.92 10.98
C SER A 342 2.49 2.46 10.93
N SER A 343 1.42 2.98 10.31
CA SER A 343 1.19 4.43 10.17
C SER A 343 -0.28 4.78 10.17
N GLY A 344 -0.57 6.06 10.35
CA GLY A 344 -1.94 6.54 10.29
C GLY A 344 -2.15 8.01 10.56
N THR A 345 -3.33 8.29 11.12
CA THR A 345 -3.85 9.62 11.41
C THR A 345 -3.06 10.37 12.51
N ASP A 346 -2.37 9.67 13.41
CA ASP A 346 -1.60 10.35 14.45
C ASP A 346 -0.28 10.98 13.88
N ARG A 347 -0.08 10.91 12.54
CA ARG A 347 1.06 11.51 11.82
C ARG A 347 2.40 10.81 12.13
N ARG A 348 2.33 9.64 12.77
CA ARG A 348 3.51 8.87 13.15
C ARG A 348 3.60 7.59 12.37
N LEU A 349 4.84 7.17 12.12
CA LEU A 349 5.15 5.87 11.55
C LEU A 349 5.97 5.13 12.60
N ASN A 350 5.38 4.08 13.18
CA ASN A 350 6.05 3.27 14.20
C ASN A 350 6.71 2.03 13.59
N VAL A 351 7.91 1.73 14.05
CA VAL A 351 8.64 0.53 13.64
C VAL A 351 8.71 -0.39 14.87
N TRP A 352 8.24 -1.62 14.69
CA TRP A 352 8.13 -2.61 15.74
C TRP A 352 9.10 -3.74 15.53
N ASP A 353 9.61 -4.28 16.64
CA ASP A 353 10.48 -5.45 16.63
C ASP A 353 9.88 -6.55 17.53
N LEU A 354 9.34 -7.62 16.90
CA LEU A 354 8.70 -8.75 17.60
C LEU A 354 9.61 -9.44 18.60
N SER A 355 10.91 -9.51 18.32
CA SER A 355 11.87 -10.21 19.16
C SER A 355 12.02 -9.56 20.55
N LYS A 356 11.60 -8.30 20.70
CA LYS A 356 11.70 -7.57 21.96
C LYS A 356 10.41 -7.62 22.79
N ILE A 357 9.41 -8.42 22.35
CA ILE A 357 8.17 -8.57 23.11
C ILE A 357 8.51 -9.19 24.46
N GLY A 358 7.97 -8.62 25.53
CA GLY A 358 8.17 -9.12 26.89
C GLY A 358 9.44 -8.70 27.60
N GLU A 359 10.42 -8.10 26.87
CA GLU A 359 11.70 -7.65 27.45
C GLU A 359 11.51 -6.61 28.57
N PRO A 370 6.38 0.58 24.67
CA PRO A 370 6.70 -0.81 24.98
C PRO A 370 8.07 -1.22 24.43
N PRO A 371 8.66 -2.33 24.91
CA PRO A 371 10.00 -2.72 24.44
C PRO A 371 10.02 -3.10 22.96
N GLU A 372 8.90 -3.62 22.43
CA GLU A 372 8.80 -4.00 21.01
C GLU A 372 8.69 -2.76 20.09
N LEU A 373 8.56 -1.54 20.63
CA LEU A 373 8.57 -0.35 19.81
C LEU A 373 10.03 0.09 19.57
N LEU A 374 10.56 -0.20 18.38
CA LEU A 374 11.93 0.10 18.01
C LEU A 374 12.18 1.60 17.69
N PHE A 375 11.28 2.24 16.92
CA PHE A 375 11.46 3.61 16.42
C PHE A 375 10.16 4.27 16.14
N ILE A 376 10.11 5.56 16.40
CA ILE A 376 8.99 6.42 16.09
C ILE A 376 9.51 7.46 15.10
N HIS A 377 8.99 7.43 13.85
CA HIS A 377 9.34 8.45 12.87
C HIS A 377 8.39 9.62 13.05
N GLY A 378 8.95 10.77 13.44
CA GLY A 378 8.20 12.00 13.68
C GLY A 378 8.43 13.09 12.66
N GLY A 379 8.88 12.72 11.47
CA GLY A 379 9.15 13.67 10.40
C GLY A 379 7.92 14.28 9.75
N HIS A 380 6.76 13.63 9.87
CA HIS A 380 5.54 14.15 9.24
C HIS A 380 4.73 15.00 10.20
N THR A 381 4.14 16.07 9.67
CA THR A 381 3.32 16.99 10.46
C THR A 381 1.86 16.96 9.96
N ALA A 382 1.50 15.90 9.24
CA ALA A 382 0.15 15.63 8.75
C ALA A 382 -0.08 14.13 8.67
N LYS A 383 -1.35 13.71 8.56
CA LYS A 383 -1.74 12.31 8.45
C LYS A 383 -0.91 11.61 7.36
N ILE A 384 -0.38 10.41 7.67
CA ILE A 384 0.37 9.62 6.70
C ILE A 384 -0.62 8.79 5.91
N SER A 385 -0.59 8.92 4.56
CA SER A 385 -1.47 8.20 3.64
C SER A 385 -0.93 6.79 3.27
N ASP A 386 0.37 6.65 3.07
CA ASP A 386 0.95 5.35 2.71
C ASP A 386 2.42 5.36 2.96
N PHE A 387 3.03 4.16 2.97
CA PHE A 387 4.48 4.05 3.03
C PHE A 387 4.95 2.75 2.38
N SER A 388 6.23 2.68 2.02
CA SER A 388 6.80 1.52 1.36
C SER A 388 8.25 1.33 1.78
N TRP A 389 8.59 0.09 2.20
CA TRP A 389 9.96 -0.31 2.51
C TRP A 389 10.71 -0.49 1.21
N ASN A 390 11.92 0.07 1.10
CA ASN A 390 12.72 -0.08 -0.11
C ASN A 390 13.17 -1.54 -0.20
N PRO A 391 12.89 -2.23 -1.33
CA PRO A 391 13.25 -3.66 -1.42
C PRO A 391 14.74 -3.94 -1.65
N ASN A 392 15.50 -2.96 -2.12
CA ASN A 392 16.93 -3.07 -2.45
C ASN A 392 17.88 -2.50 -1.39
N GLU A 393 17.40 -1.60 -0.53
CA GLU A 393 18.25 -0.96 0.46
C GLU A 393 17.63 -1.13 1.84
N PRO A 394 18.19 -2.07 2.63
CA PRO A 394 17.61 -2.35 3.97
C PRO A 394 17.40 -1.11 4.83
N TRP A 395 16.24 -1.06 5.49
CA TRP A 395 15.83 -0.01 6.42
C TRP A 395 15.46 1.34 5.76
N VAL A 396 15.50 1.46 4.43
CA VAL A 396 15.05 2.69 3.75
C VAL A 396 13.53 2.60 3.59
N ILE A 397 12.82 3.68 3.96
CA ILE A 397 11.38 3.79 3.82
C ILE A 397 11.02 5.08 3.09
N CYS A 398 10.00 5.00 2.25
CA CYS A 398 9.35 6.17 1.67
C CYS A 398 7.99 6.28 2.33
N SER A 399 7.64 7.43 2.87
CA SER A 399 6.32 7.68 3.46
C SER A 399 5.79 8.98 2.90
N VAL A 400 4.47 9.03 2.68
CA VAL A 400 3.81 10.21 2.12
C VAL A 400 2.66 10.65 3.01
N SER A 401 2.48 11.98 3.14
CA SER A 401 1.45 12.58 3.99
C SER A 401 0.50 13.53 3.24
N GLU A 402 -0.66 13.82 3.86
CA GLU A 402 -1.74 14.65 3.28
C GLU A 402 -1.37 16.13 3.00
N ASP A 403 -0.24 16.57 3.49
CA ASP A 403 0.25 17.94 3.32
C ASP A 403 1.26 18.04 2.15
N ASN A 404 1.31 17.00 1.27
CA ASN A 404 2.12 16.96 0.04
C ASN A 404 3.53 16.51 0.27
N ILE A 405 3.90 16.21 1.50
CA ILE A 405 5.26 15.82 1.80
C ILE A 405 5.51 14.35 1.55
N MET A 406 6.65 14.08 0.96
CA MET A 406 7.18 12.74 0.75
C MET A 406 8.52 12.66 1.45
N GLN A 407 8.71 11.65 2.29
CA GLN A 407 10.00 11.49 2.95
C GLN A 407 10.62 10.17 2.59
N VAL A 408 11.90 10.19 2.27
CA VAL A 408 12.74 9.00 2.08
C VAL A 408 13.73 9.05 3.22
N TRP A 409 13.69 8.03 4.08
CA TRP A 409 14.49 8.04 5.28
C TRP A 409 14.92 6.64 5.70
N GLN A 410 15.95 6.60 6.53
CA GLN A 410 16.53 5.40 7.08
C GLN A 410 16.99 5.72 8.48
N MET A 411 16.45 5.03 9.50
CA MET A 411 16.86 5.28 10.88
C MET A 411 18.35 4.92 11.03
N ALA A 412 18.97 5.45 12.10
CA ALA A 412 20.38 5.21 12.37
C ALA A 412 20.67 3.75 12.60
N GLU A 413 21.80 3.27 12.05
CA GLU A 413 22.26 1.88 12.18
C GLU A 413 22.36 1.48 13.67
N ASN A 414 22.83 2.38 14.54
CA ASN A 414 22.94 2.13 15.97
C ASN A 414 21.58 1.81 16.64
N ILE A 415 20.44 2.24 16.04
CA ILE A 415 19.12 2.00 16.63
C ILE A 415 18.68 0.55 16.42
N TYR A 416 18.88 -0.03 15.21
CA TYR A 416 18.50 -1.42 14.94
C TYR A 416 19.64 -2.40 15.15
N ASN A 417 20.84 -1.91 15.47
CA ASN A 417 21.96 -2.81 15.70
C ASN A 417 22.19 -3.01 17.22
N ASP A 418 21.16 -2.65 18.04
CA ASP A 418 21.20 -2.79 19.50
C ASP A 418 19.99 -3.59 19.99
N ARG B 2 -14.42 9.24 3.48
CA ARG B 2 -14.19 8.85 4.87
C ARG B 2 -12.68 8.63 5.17
N ARG B 3 -11.92 8.11 4.18
CA ARG B 3 -10.47 7.87 4.34
C ARG B 3 -9.63 9.03 3.81
N LYS B 4 -10.24 9.96 3.05
CA LYS B 4 -9.41 11.01 2.49
C LYS B 4 -10.01 12.39 2.66
N GLN B 5 -9.12 13.41 2.77
CA GLN B 5 -9.46 14.82 2.92
C GLN B 5 -10.25 15.31 1.69
N GLY B 6 -11.05 16.35 1.90
CA GLY B 6 -11.89 16.94 0.85
C GLY B 6 -11.24 18.09 0.10
N LYS B 7 -10.27 18.78 0.74
CA LYS B 7 -9.62 19.93 0.12
C LYS B 7 -8.09 19.74 -0.03
N PRO B 8 -7.61 18.74 -0.82
CA PRO B 8 -6.16 18.61 -0.98
C PRO B 8 -5.56 19.90 -1.54
N GLN B 9 -4.48 20.36 -0.91
CA GLN B 9 -3.80 21.60 -1.24
C GLN B 9 -2.81 21.47 -2.37
N HIS B 10 -2.69 22.53 -3.14
CA HIS B 10 -1.76 22.64 -4.25
C HIS B 10 -0.53 23.45 -3.84
N LEU B 11 0.65 22.88 -4.01
CA LEU B 11 1.88 23.59 -3.74
C LEU B 11 2.39 24.14 -5.07
N SER B 12 3.02 25.31 -5.01
CA SER B 12 3.51 26.16 -6.11
C SER B 12 4.74 25.62 -6.85
N LYS B 13 4.56 24.48 -7.50
CA LYS B 13 5.61 23.78 -8.28
C LYS B 13 4.97 23.01 -9.44
N ARG B 14 5.75 22.70 -10.49
CA ARG B 14 5.34 21.87 -11.65
C ARG B 14 6.55 21.03 -12.09
N GLU B 15 6.58 19.74 -11.71
CA GLU B 15 7.70 18.82 -11.95
C GLU B 15 7.53 17.97 -13.21
C1 GOL C . -4.95 6.88 1.44
O1 GOL C . -5.20 5.70 0.68
C2 GOL C . -5.65 6.85 2.79
O2 GOL C . -5.38 5.60 3.40
C3 GOL C . -5.22 7.95 3.73
O3 GOL C . -5.35 9.28 3.22
#